data_2YYJ
#
_entry.id   2YYJ
#
_cell.length_a   90.894
_cell.length_b   98.466
_cell.length_c   130.586
_cell.angle_alpha   90.00
_cell.angle_beta   90.00
_cell.angle_gamma   90.00
#
_symmetry.space_group_name_H-M   'I 2 2 2'
#
loop_
_entity.id
_entity.type
_entity.pdbx_description
1 polymer 4-hydroxyphenylacetate-3-hydroxylase
2 non-polymer 'SULFATE ION'
3 non-polymer 'FLAVIN-ADENINE DINUCLEOTIDE'
4 non-polymer 4-HYDROXYPHENYLACETATE
5 water water
#
_entity_poly.entity_id   1
_entity_poly.type   'polypeptide(L)'
_entity_poly.pdbx_seq_one_letter_code
;MARTGAEYIEALKTRPPNLWYKGEKVEDPTTHPVFRGIVRTMAALYDLQHDPRYREVLTYEEEGKRHGMSFLIPKTKEDL
KRRGQAYKLWADQNLGMMGRSPDYLNAVVMAYAASADYFGEFAENVRNYYRYLRDQDLATTHALTNPQVNRARPPSGQPD
PYIPVGVVKQTEKGIVVRGARMTATFPLADEVLIFPSTLLQAGSEKYALAFALPTSTPGLHFVCREALVGGDSPFDHPLS
SRVEEMDCLVIFDDVLVPWERVFILGNVELCNNAYAATGALNHMAHQVVALKTAKTEAFLGVAALMAEGIGADVYGHVQE
KIAEIIVYLEAMRAFWTRAEEEAKENAYGLLVPDRGALDGARNLYPRLYPRIREILEQIGASGLITLPSEKDFKGPLGPF
LEKFLQGAALEAKERVALFRLAWDMTLSGFGARQELYERFFFGDPVRMYQTLYNVYNKEPYKERIRAFLKESLKVFEEVQ
A
;
_entity_poly.pdbx_strand_id   A
#
loop_
_chem_comp.id
_chem_comp.type
_chem_comp.name
_chem_comp.formula
4HP non-polymer 4-HYDROXYPHENYLACETATE 'C8 H8 O3'
FAD non-polymer 'FLAVIN-ADENINE DINUCLEOTIDE' 'C27 H33 N9 O15 P2'
SO4 non-polymer 'SULFATE ION' 'O4 S -2'
#
# COMPACT_ATOMS: atom_id res chain seq x y z
N ALA A 2 -21.21 1.86 -5.88
CA ALA A 2 -20.16 2.72 -5.27
C ALA A 2 -20.65 3.28 -3.94
N ARG A 3 -19.88 3.01 -2.90
CA ARG A 3 -20.17 3.44 -1.53
C ARG A 3 -19.94 4.92 -1.30
N THR A 4 -20.68 5.50 -0.35
CA THR A 4 -20.49 6.89 0.04
C THR A 4 -19.75 6.82 1.37
N GLY A 5 -19.16 7.94 1.80
CA GLY A 5 -18.44 7.94 3.05
C GLY A 5 -19.35 7.61 4.22
N ALA A 6 -20.57 8.14 4.20
CA ALA A 6 -21.53 7.89 5.28
C ALA A 6 -21.82 6.41 5.42
N GLU A 7 -21.95 5.70 4.30
CA GLU A 7 -22.24 4.27 4.34
C GLU A 7 -21.07 3.49 4.97
N TYR A 8 -19.86 3.92 4.64
CA TYR A 8 -18.65 3.28 5.18
C TYR A 8 -18.60 3.49 6.69
N ILE A 9 -18.83 4.72 7.13
CA ILE A 9 -18.81 5.03 8.56
C ILE A 9 -19.88 4.24 9.31
N GLU A 10 -21.08 4.16 8.75
CA GLU A 10 -22.16 3.44 9.39
C GLU A 10 -21.83 1.94 9.49
N ALA A 11 -21.18 1.42 8.45
CA ALA A 11 -20.81 0.01 8.42
C ALA A 11 -19.80 -0.33 9.51
N LEU A 12 -18.82 0.53 9.72
CA LEU A 12 -17.81 0.30 10.74
C LEU A 12 -18.40 0.46 12.14
N LYS A 13 -19.34 1.39 12.27
CA LYS A 13 -19.97 1.64 13.56
C LYS A 13 -20.86 0.46 13.93
N THR A 14 -21.58 -0.07 12.94
CA THR A 14 -22.49 -1.18 13.13
C THR A 14 -21.79 -2.52 13.37
N ARG A 15 -20.80 -2.81 12.53
CA ARG A 15 -20.04 -4.05 12.63
C ARG A 15 -18.56 -3.70 12.58
N PRO A 16 -18.02 -3.16 13.67
CA PRO A 16 -16.61 -2.79 13.74
C PRO A 16 -15.65 -3.96 13.72
N PRO A 17 -14.44 -3.73 13.19
CA PRO A 17 -13.43 -4.80 13.14
C PRO A 17 -13.03 -5.12 14.57
N ASN A 18 -12.60 -6.36 14.82
CA ASN A 18 -12.20 -6.74 16.18
C ASN A 18 -10.85 -6.16 16.55
N LEU A 19 -10.82 -4.84 16.71
CA LEU A 19 -9.61 -4.11 17.06
C LEU A 19 -9.36 -4.02 18.55
N TRP A 20 -8.07 -4.04 18.91
CA TRP A 20 -7.64 -3.92 20.30
C TRP A 20 -6.60 -2.83 20.35
N TYR A 21 -6.70 -1.94 21.33
CA TYR A 21 -5.69 -0.90 21.49
C TYR A 21 -5.36 -0.83 22.97
N LYS A 22 -4.07 -1.02 23.28
CA LYS A 22 -3.58 -1.00 24.65
C LYS A 22 -4.42 -1.82 25.63
N GLY A 23 -4.61 -3.09 25.30
CA GLY A 23 -5.34 -4.01 26.16
C GLY A 23 -6.85 -3.92 26.21
N GLU A 24 -7.45 -3.04 25.41
CA GLU A 24 -8.90 -2.90 25.42
C GLU A 24 -9.52 -2.97 24.03
N LYS A 25 -10.73 -3.52 23.95
CA LYS A 25 -11.41 -3.62 22.67
C LYS A 25 -11.87 -2.22 22.25
N VAL A 26 -11.78 -1.95 20.94
CA VAL A 26 -12.21 -0.68 20.39
C VAL A 26 -13.67 -0.85 19.98
N GLU A 27 -14.58 -0.22 20.73
CA GLU A 27 -16.01 -0.33 20.45
C GLU A 27 -16.49 0.43 19.21
N ASP A 28 -15.93 1.60 18.98
CA ASP A 28 -16.33 2.40 17.83
C ASP A 28 -15.13 3.16 17.26
N PRO A 29 -14.49 2.58 16.23
CA PRO A 29 -13.32 3.23 15.63
C PRO A 29 -13.64 4.56 14.95
N THR A 30 -14.91 4.79 14.63
CA THR A 30 -15.28 6.04 13.96
C THR A 30 -15.21 7.24 14.90
N THR A 31 -15.18 6.99 16.21
CA THR A 31 -15.11 8.08 17.20
C THR A 31 -13.89 7.96 18.11
N HIS A 32 -13.22 6.83 18.08
CA HIS A 32 -12.04 6.61 18.91
C HIS A 32 -10.94 7.58 18.45
N PRO A 33 -10.27 8.25 19.40
CA PRO A 33 -9.21 9.21 19.09
C PRO A 33 -8.09 8.71 18.17
N VAL A 34 -7.77 7.43 18.28
CA VAL A 34 -6.69 6.85 17.46
C VAL A 34 -7.09 6.54 16.03
N PHE A 35 -8.37 6.23 15.82
CA PHE A 35 -8.85 5.84 14.49
C PHE A 35 -9.79 6.77 13.74
N ARG A 36 -10.45 7.69 14.43
CA ARG A 36 -11.40 8.56 13.75
C ARG A 36 -10.80 9.37 12.60
N GLY A 37 -9.52 9.68 12.68
CA GLY A 37 -8.89 10.44 11.63
C GLY A 37 -8.83 9.70 10.30
N ILE A 38 -8.25 8.49 10.32
CA ILE A 38 -8.13 7.71 9.11
C ILE A 38 -9.50 7.25 8.61
N VAL A 39 -10.46 7.08 9.51
CA VAL A 39 -11.81 6.67 9.11
C VAL A 39 -12.41 7.80 8.28
N ARG A 40 -12.23 9.03 8.74
CA ARG A 40 -12.75 10.20 8.02
C ARG A 40 -12.05 10.31 6.67
N THR A 41 -10.78 9.95 6.63
CA THR A 41 -10.01 10.02 5.39
C THR A 41 -10.51 9.00 4.37
N MET A 42 -10.76 7.78 4.81
CA MET A 42 -11.26 6.75 3.90
C MET A 42 -12.65 7.16 3.43
N ALA A 43 -13.45 7.71 4.35
CA ALA A 43 -14.80 8.14 4.01
C ALA A 43 -14.75 9.22 2.92
N ALA A 44 -13.75 10.09 2.99
CA ALA A 44 -13.61 11.14 2.00
C ALA A 44 -13.24 10.56 0.63
N LEU A 45 -12.48 9.47 0.62
CA LEU A 45 -12.11 8.84 -0.64
C LEU A 45 -13.37 8.27 -1.29
N TYR A 46 -14.23 7.67 -0.48
CA TYR A 46 -15.48 7.11 -1.00
C TYR A 46 -16.37 8.24 -1.52
N ASP A 47 -16.47 9.34 -0.77
CA ASP A 47 -17.30 10.46 -1.19
C ASP A 47 -16.85 11.06 -2.51
N LEU A 48 -15.54 11.03 -2.76
CA LEU A 48 -15.00 11.60 -3.99
C LEU A 48 -15.57 10.89 -5.22
N GLN A 49 -15.97 9.64 -5.04
CA GLN A 49 -16.54 8.84 -6.13
C GLN A 49 -17.85 9.43 -6.63
N HIS A 50 -18.49 10.26 -5.81
CA HIS A 50 -19.76 10.85 -6.17
C HIS A 50 -19.66 12.33 -6.53
N ASP A 51 -18.45 12.86 -6.49
CA ASP A 51 -18.23 14.26 -6.84
C ASP A 51 -18.34 14.31 -8.37
N PRO A 52 -19.20 15.19 -8.90
CA PRO A 52 -19.35 15.29 -10.36
C PRO A 52 -18.03 15.44 -11.13
N ARG A 53 -17.08 16.16 -10.54
CA ARG A 53 -15.79 16.40 -11.18
C ARG A 53 -14.94 15.15 -11.36
N TYR A 54 -15.17 14.14 -10.52
CA TYR A 54 -14.35 12.93 -10.56
C TYR A 54 -15.09 11.61 -10.76
N ARG A 55 -16.42 11.66 -10.81
CA ARG A 55 -17.20 10.45 -10.97
C ARG A 55 -16.79 9.59 -12.19
N GLU A 56 -16.51 10.24 -13.31
CA GLU A 56 -16.13 9.51 -14.52
C GLU A 56 -14.72 8.92 -14.43
N VAL A 57 -13.92 9.45 -13.51
CA VAL A 57 -12.56 8.96 -13.32
C VAL A 57 -12.52 7.84 -12.29
N LEU A 58 -13.30 7.98 -11.22
CA LEU A 58 -13.32 7.02 -10.14
C LEU A 58 -14.33 5.88 -10.22
N THR A 59 -15.28 5.96 -11.14
CA THR A 59 -16.28 4.89 -11.25
C THR A 59 -16.64 4.62 -12.70
N TYR A 60 -17.31 3.50 -12.92
CA TYR A 60 -17.77 3.12 -14.25
C TYR A 60 -19.18 2.56 -14.10
N GLU A 61 -20.00 2.70 -15.14
CA GLU A 61 -21.35 2.21 -15.08
C GLU A 61 -21.45 0.85 -15.76
N GLU A 62 -22.29 -0.03 -15.21
CA GLU A 62 -22.47 -1.36 -15.76
C GLU A 62 -23.83 -1.92 -15.37
N GLU A 63 -24.68 -2.15 -16.36
CA GLU A 63 -26.01 -2.69 -16.16
C GLU A 63 -26.82 -1.94 -15.09
N GLY A 64 -26.80 -0.62 -15.17
CA GLY A 64 -27.56 0.19 -14.22
C GLY A 64 -26.90 0.46 -12.89
N LYS A 65 -25.67 -0.02 -12.71
CA LYS A 65 -24.96 0.19 -11.47
C LYS A 65 -23.66 0.95 -11.69
N ARG A 66 -23.13 1.53 -10.61
CA ARG A 66 -21.88 2.29 -10.65
C ARG A 66 -20.90 1.59 -9.72
N HIS A 67 -19.74 1.20 -10.25
CA HIS A 67 -18.73 0.50 -9.47
C HIS A 67 -17.43 1.30 -9.39
N GLY A 68 -16.65 1.03 -8.35
CA GLY A 68 -15.37 1.71 -8.20
C GLY A 68 -14.44 1.24 -9.31
N MET A 69 -13.68 2.17 -9.88
CA MET A 69 -12.76 1.86 -10.97
C MET A 69 -11.77 0.74 -10.67
N SER A 70 -11.38 0.59 -9.41
CA SER A 70 -10.41 -0.45 -9.06
C SER A 70 -10.96 -1.88 -9.24
N PHE A 71 -12.24 -1.99 -9.58
CA PHE A 71 -12.85 -3.30 -9.79
C PHE A 71 -12.96 -3.60 -11.28
N LEU A 72 -12.69 -2.60 -12.12
CA LEU A 72 -12.78 -2.79 -13.57
C LEU A 72 -11.82 -3.82 -14.14
N ILE A 73 -12.35 -4.82 -14.83
CA ILE A 73 -11.50 -5.80 -15.47
C ILE A 73 -11.15 -5.16 -16.80
N PRO A 74 -9.90 -4.68 -16.95
CA PRO A 74 -9.46 -4.01 -18.18
C PRO A 74 -9.35 -4.92 -19.40
N LYS A 75 -9.91 -4.45 -20.51
CA LYS A 75 -9.88 -5.20 -21.75
C LYS A 75 -8.92 -4.57 -22.75
N THR A 76 -8.67 -3.28 -22.58
CA THR A 76 -7.77 -2.55 -23.47
C THR A 76 -6.76 -1.73 -22.67
N LYS A 77 -5.74 -1.21 -23.35
CA LYS A 77 -4.74 -0.39 -22.67
C LYS A 77 -5.43 0.87 -22.14
N GLU A 78 -6.48 1.31 -22.82
CA GLU A 78 -7.21 2.49 -22.38
C GLU A 78 -7.82 2.21 -21.01
N ASP A 79 -8.38 1.01 -20.84
CA ASP A 79 -8.98 0.64 -19.56
C ASP A 79 -7.90 0.60 -18.49
N LEU A 80 -6.71 0.16 -18.88
CA LEU A 80 -5.60 0.08 -17.95
C LEU A 80 -5.24 1.50 -17.51
N LYS A 81 -5.24 2.42 -18.45
CA LYS A 81 -4.93 3.81 -18.15
C LYS A 81 -5.99 4.39 -17.21
N ARG A 82 -7.25 4.01 -17.43
CA ARG A 82 -8.34 4.48 -16.58
C ARG A 82 -8.13 4.03 -15.14
N ARG A 83 -7.71 2.78 -14.95
CA ARG A 83 -7.46 2.28 -13.60
C ARG A 83 -6.33 3.10 -12.98
N GLY A 84 -5.30 3.35 -13.78
CA GLY A 84 -4.17 4.13 -13.30
C GLY A 84 -4.54 5.54 -12.87
N GLN A 85 -5.42 6.18 -13.62
CA GLN A 85 -5.83 7.54 -13.29
C GLN A 85 -6.62 7.56 -11.98
N ALA A 86 -7.38 6.51 -11.71
CA ALA A 86 -8.14 6.43 -10.48
C ALA A 86 -7.16 6.23 -9.31
N TYR A 87 -6.16 5.37 -9.51
CA TYR A 87 -5.17 5.13 -8.46
C TYR A 87 -4.53 6.45 -8.09
N LYS A 88 -4.14 7.21 -9.10
CA LYS A 88 -3.47 8.49 -8.92
C LYS A 88 -4.33 9.54 -8.23
N LEU A 89 -5.57 9.69 -8.68
CA LEU A 89 -6.46 10.68 -8.08
C LEU A 89 -6.67 10.42 -6.60
N TRP A 90 -6.90 9.16 -6.24
CA TRP A 90 -7.09 8.83 -4.84
C TRP A 90 -5.80 9.10 -4.07
N ALA A 91 -4.66 8.67 -4.62
CA ALA A 91 -3.38 8.87 -3.97
C ALA A 91 -3.07 10.35 -3.69
N ASP A 92 -3.37 11.21 -4.66
CA ASP A 92 -3.09 12.64 -4.50
C ASP A 92 -3.84 13.29 -3.33
N GLN A 93 -5.00 12.75 -2.99
CA GLN A 93 -5.78 13.33 -1.89
C GLN A 93 -5.00 13.33 -0.57
N ASN A 94 -4.12 12.36 -0.40
CA ASN A 94 -3.35 12.26 0.84
C ASN A 94 -1.85 12.33 0.60
N LEU A 95 -1.47 13.01 -0.47
CA LEU A 95 -0.06 13.20 -0.83
C LEU A 95 0.70 11.88 -0.93
N GLY A 96 0.00 10.81 -1.29
CA GLY A 96 0.64 9.50 -1.41
C GLY A 96 1.09 8.90 -0.09
N MET A 97 0.56 9.44 1.01
CA MET A 97 0.92 8.97 2.35
C MET A 97 0.05 7.80 2.84
N MET A 98 -1.06 7.53 2.18
CA MET A 98 -1.90 6.41 2.59
C MET A 98 -1.45 5.25 1.71
N GLY A 99 -0.75 4.29 2.32
CA GLY A 99 -0.21 3.17 1.56
C GLY A 99 -1.13 1.98 1.30
N ARG A 100 -2.15 1.80 2.14
CA ARG A 100 -3.05 0.68 1.94
C ARG A 100 -4.51 1.02 1.66
N SER A 101 -4.74 1.97 0.78
CA SER A 101 -6.12 2.29 0.43
C SER A 101 -6.62 1.01 -0.25
N PRO A 102 -7.92 0.70 -0.11
CA PRO A 102 -8.59 -0.47 -0.68
C PRO A 102 -8.37 -0.81 -2.15
N ASP A 103 -8.12 0.19 -3.00
CA ASP A 103 -7.94 -0.08 -4.41
C ASP A 103 -6.74 -0.97 -4.75
N TYR A 104 -5.76 -1.02 -3.84
CA TYR A 104 -4.58 -1.86 -4.03
C TYR A 104 -5.03 -3.32 -3.97
N LEU A 105 -5.83 -3.65 -2.95
CA LEU A 105 -6.32 -5.01 -2.79
C LEU A 105 -7.43 -5.34 -3.78
N ASN A 106 -8.17 -4.34 -4.23
CA ASN A 106 -9.22 -4.59 -5.20
C ASN A 106 -8.55 -5.04 -6.50
N ALA A 107 -7.36 -4.50 -6.75
CA ALA A 107 -6.60 -4.87 -7.94
C ALA A 107 -6.26 -6.36 -7.87
N VAL A 108 -5.90 -6.81 -6.67
CA VAL A 108 -5.56 -8.21 -6.45
C VAL A 108 -6.77 -9.10 -6.70
N VAL A 109 -7.88 -8.79 -6.05
CA VAL A 109 -9.10 -9.59 -6.20
C VAL A 109 -9.64 -9.55 -7.63
N MET A 110 -9.52 -8.40 -8.28
CA MET A 110 -9.98 -8.26 -9.66
C MET A 110 -9.22 -9.26 -10.54
N ALA A 111 -7.89 -9.29 -10.38
CA ALA A 111 -7.05 -10.19 -11.17
C ALA A 111 -7.35 -11.64 -10.82
N TYR A 112 -7.54 -11.93 -9.53
CA TYR A 112 -7.84 -13.29 -9.09
C TYR A 112 -9.12 -13.75 -9.79
N ALA A 113 -10.12 -12.88 -9.84
CA ALA A 113 -11.40 -13.20 -10.46
C ALA A 113 -11.31 -13.38 -11.97
N ALA A 114 -10.60 -12.48 -12.65
CA ALA A 114 -10.44 -12.58 -14.09
C ALA A 114 -9.73 -13.88 -14.43
N SER A 115 -8.80 -14.27 -13.57
CA SER A 115 -8.02 -15.50 -13.77
C SER A 115 -8.51 -16.60 -12.84
N ALA A 116 -9.78 -16.56 -12.49
CA ALA A 116 -10.37 -17.53 -11.56
C ALA A 116 -10.12 -19.01 -11.84
N ASP A 117 -10.00 -19.39 -13.12
CA ASP A 117 -9.77 -20.79 -13.46
C ASP A 117 -8.53 -21.34 -12.75
N TYR A 118 -7.62 -20.44 -12.42
CA TYR A 118 -6.38 -20.79 -11.74
C TYR A 118 -6.65 -21.56 -10.44
N PHE A 119 -7.72 -21.17 -9.77
CA PHE A 119 -8.10 -21.74 -8.48
C PHE A 119 -8.86 -23.06 -8.48
N GLY A 120 -9.09 -23.63 -9.67
CA GLY A 120 -9.78 -24.90 -9.76
C GLY A 120 -11.18 -24.95 -9.17
N GLU A 121 -11.42 -25.89 -8.26
CA GLU A 121 -12.75 -26.02 -7.65
C GLU A 121 -13.19 -24.79 -6.87
N PHE A 122 -12.24 -23.96 -6.47
CA PHE A 122 -12.55 -22.75 -5.71
C PHE A 122 -12.74 -21.53 -6.60
N ALA A 123 -12.74 -21.75 -7.92
CA ALA A 123 -12.89 -20.66 -8.88
C ALA A 123 -14.16 -19.85 -8.67
N GLU A 124 -15.29 -20.53 -8.50
CA GLU A 124 -16.54 -19.82 -8.30
C GLU A 124 -16.51 -18.98 -7.02
N ASN A 125 -15.87 -19.51 -5.97
CA ASN A 125 -15.77 -18.76 -4.73
C ASN A 125 -15.07 -17.43 -4.98
N VAL A 126 -14.02 -17.47 -5.79
CA VAL A 126 -13.25 -16.27 -6.10
C VAL A 126 -14.10 -15.28 -6.89
N ARG A 127 -14.77 -15.76 -7.93
CA ARG A 127 -15.61 -14.88 -8.74
C ARG A 127 -16.73 -14.26 -7.90
N ASN A 128 -17.36 -15.05 -7.05
CA ASN A 128 -18.42 -14.55 -6.19
C ASN A 128 -17.94 -13.55 -5.17
N TYR A 129 -16.74 -13.77 -4.64
CA TYR A 129 -16.19 -12.85 -3.66
C TYR A 129 -15.88 -11.51 -4.32
N TYR A 130 -15.35 -11.56 -5.53
CA TYR A 130 -15.05 -10.34 -6.29
C TYR A 130 -16.33 -9.53 -6.48
N ARG A 131 -17.40 -10.19 -6.93
CA ARG A 131 -18.67 -9.51 -7.14
C ARG A 131 -19.19 -8.90 -5.86
N TYR A 132 -18.98 -9.61 -4.76
CA TYR A 132 -19.41 -9.16 -3.43
C TYR A 132 -18.69 -7.86 -3.06
N LEU A 133 -17.36 -7.87 -3.12
CA LEU A 133 -16.59 -6.67 -2.79
C LEU A 133 -16.98 -5.52 -3.71
N ARG A 134 -17.13 -5.82 -4.99
CA ARG A 134 -17.48 -4.80 -5.97
C ARG A 134 -18.87 -4.20 -5.74
N ASP A 135 -19.88 -5.05 -5.69
CA ASP A 135 -21.25 -4.58 -5.50
C ASP A 135 -21.45 -3.78 -4.21
N GLN A 136 -20.83 -4.24 -3.13
CA GLN A 136 -20.96 -3.56 -1.85
C GLN A 136 -19.88 -2.49 -1.65
N ASP A 137 -18.91 -2.47 -2.55
CA ASP A 137 -17.79 -1.52 -2.50
C ASP A 137 -17.17 -1.51 -1.11
N LEU A 138 -16.91 -2.71 -0.59
CA LEU A 138 -16.34 -2.87 0.74
C LEU A 138 -14.85 -2.56 0.83
N ALA A 139 -14.42 -2.22 2.04
CA ALA A 139 -13.03 -1.90 2.31
C ALA A 139 -12.33 -3.15 2.81
N THR A 140 -11.10 -3.36 2.38
CA THR A 140 -10.35 -4.54 2.77
C THR A 140 -8.98 -4.20 3.36
N THR A 141 -8.47 -5.14 4.14
CA THR A 141 -7.14 -5.05 4.73
C THR A 141 -6.56 -6.42 4.44
N HIS A 142 -5.26 -6.59 4.61
CA HIS A 142 -4.65 -7.89 4.33
C HIS A 142 -3.39 -8.16 5.14
N ALA A 143 -3.03 -9.43 5.24
CA ALA A 143 -1.84 -9.86 5.98
C ALA A 143 -1.30 -11.10 5.28
N LEU A 144 -0.07 -11.01 4.79
CA LEU A 144 0.55 -12.12 4.05
C LEU A 144 1.76 -12.76 4.71
N THR A 145 2.27 -12.16 5.78
CA THR A 145 3.47 -12.68 6.41
C THR A 145 3.29 -13.40 7.74
N ASN A 146 4.18 -14.36 8.01
CA ASN A 146 4.13 -15.14 9.24
C ASN A 146 4.85 -14.40 10.36
N PRO A 147 4.48 -14.68 11.62
CA PRO A 147 5.11 -14.02 12.77
C PRO A 147 6.63 -14.12 12.75
N GLN A 148 7.27 -12.99 13.00
CA GLN A 148 8.72 -12.90 13.04
C GLN A 148 9.19 -13.46 14.38
N VAL A 149 9.47 -14.77 14.40
CA VAL A 149 9.89 -15.46 15.62
C VAL A 149 11.30 -16.03 15.45
N ASN A 150 11.45 -17.04 14.61
CA ASN A 150 12.76 -17.62 14.34
C ASN A 150 12.94 -17.69 12.83
N ARG A 151 13.47 -16.61 12.25
CA ARG A 151 13.66 -16.55 10.81
C ARG A 151 14.73 -17.49 10.26
N ALA A 152 15.42 -18.21 11.14
CA ALA A 152 16.44 -19.15 10.69
C ALA A 152 15.77 -20.46 10.30
N ARG A 153 14.49 -20.59 10.63
CA ARG A 153 13.73 -21.80 10.34
C ARG A 153 12.50 -21.51 9.48
N PRO A 154 12.01 -22.55 8.77
CA PRO A 154 10.84 -22.40 7.91
C PRO A 154 9.57 -22.30 8.76
N PRO A 155 8.41 -22.04 8.12
CA PRO A 155 7.14 -21.93 8.85
C PRO A 155 6.85 -23.13 9.74
N SER A 156 7.26 -24.32 9.30
CA SER A 156 7.02 -25.54 10.05
C SER A 156 8.08 -25.81 11.12
N GLY A 157 9.05 -24.91 11.23
CA GLY A 157 10.11 -25.07 12.21
C GLY A 157 10.13 -24.06 13.33
N GLN A 158 8.99 -23.41 13.58
CA GLN A 158 8.89 -22.41 14.63
C GLN A 158 8.65 -23.12 15.97
N PRO A 159 8.65 -22.38 17.10
CA PRO A 159 8.43 -22.96 18.42
C PRO A 159 7.14 -23.76 18.56
N ASP A 160 6.17 -23.47 17.70
CA ASP A 160 4.88 -24.17 17.72
C ASP A 160 4.39 -24.32 16.28
N PRO A 161 3.69 -25.43 15.98
CA PRO A 161 3.18 -25.65 14.63
C PRO A 161 2.18 -24.58 14.22
N TYR A 162 1.49 -24.01 15.19
CA TYR A 162 0.50 -23.00 14.89
C TYR A 162 0.85 -21.56 15.24
N ILE A 163 2.11 -21.19 15.01
CA ILE A 163 2.51 -19.81 15.21
C ILE A 163 2.01 -19.20 13.88
N PRO A 164 2.35 -19.83 12.74
CA PRO A 164 1.85 -19.27 11.48
C PRO A 164 0.40 -19.74 11.41
N VAL A 165 -0.43 -19.13 10.56
CA VAL A 165 -1.82 -19.55 10.44
C VAL A 165 -1.87 -20.91 9.74
N GLY A 166 -2.42 -21.91 10.44
CA GLY A 166 -2.51 -23.24 9.86
C GLY A 166 -3.86 -23.87 10.07
N VAL A 167 -4.18 -24.86 9.23
CA VAL A 167 -5.46 -25.56 9.34
C VAL A 167 -5.45 -26.57 10.49
N VAL A 168 -6.39 -26.41 11.41
CA VAL A 168 -6.51 -27.29 12.56
C VAL A 168 -7.34 -28.50 12.15
N LYS A 169 -8.43 -28.24 11.45
CA LYS A 169 -9.31 -29.30 10.98
C LYS A 169 -10.29 -28.79 9.94
N GLN A 170 -10.94 -29.71 9.26
CA GLN A 170 -11.92 -29.37 8.23
C GLN A 170 -13.25 -29.98 8.64
N THR A 171 -14.33 -29.26 8.40
CA THR A 171 -15.67 -29.72 8.76
C THR A 171 -16.61 -29.51 7.58
N GLU A 172 -17.88 -29.86 7.77
CA GLU A 172 -18.87 -29.69 6.71
C GLU A 172 -19.14 -28.21 6.45
N LYS A 173 -18.84 -27.35 7.42
CA LYS A 173 -19.07 -25.92 7.27
C LYS A 173 -17.87 -25.17 6.69
N GLY A 174 -16.67 -25.68 6.91
CA GLY A 174 -15.48 -25.02 6.40
C GLY A 174 -14.23 -25.52 7.08
N ILE A 175 -13.24 -24.63 7.22
CA ILE A 175 -11.99 -24.99 7.87
C ILE A 175 -11.78 -24.16 9.12
N VAL A 176 -11.10 -24.74 10.10
CA VAL A 176 -10.81 -24.02 11.34
C VAL A 176 -9.31 -23.73 11.30
N VAL A 177 -8.95 -22.45 11.44
CA VAL A 177 -7.55 -22.07 11.40
C VAL A 177 -7.06 -21.47 12.72
N ARG A 178 -5.78 -21.66 13.01
CA ARG A 178 -5.18 -21.18 14.24
C ARG A 178 -3.78 -20.65 13.93
N GLY A 179 -3.45 -19.52 14.54
CA GLY A 179 -2.14 -18.92 14.31
C GLY A 179 -2.25 -17.42 14.17
N ALA A 180 -1.23 -16.79 13.60
CA ALA A 180 -1.26 -15.35 13.43
C ALA A 180 -0.51 -14.89 12.18
N ARG A 181 -0.85 -13.69 11.73
CA ARG A 181 -0.18 -13.05 10.61
C ARG A 181 0.51 -11.87 11.30
N MET A 182 1.74 -11.58 10.90
CA MET A 182 2.52 -10.53 11.54
C MET A 182 2.01 -9.09 11.41
N THR A 183 1.61 -8.70 10.20
CA THR A 183 1.20 -7.33 9.97
C THR A 183 0.05 -7.10 8.99
N ALA A 184 -0.88 -6.25 9.39
CA ALA A 184 -2.00 -5.83 8.55
C ALA A 184 -2.11 -4.33 8.74
N THR A 185 -1.97 -3.57 7.66
CA THR A 185 -2.08 -2.12 7.73
C THR A 185 -3.50 -1.72 7.34
N PHE A 186 -4.00 -0.66 7.96
CA PHE A 186 -5.35 -0.16 7.71
C PHE A 186 -6.45 -1.19 8.03
N PRO A 187 -6.59 -1.53 9.33
CA PRO A 187 -7.60 -2.50 9.75
C PRO A 187 -9.01 -1.90 9.85
N LEU A 188 -9.19 -0.66 9.40
CA LEU A 188 -10.50 -0.02 9.45
C LEU A 188 -11.25 -0.44 8.20
N ALA A 189 -11.44 -1.76 8.07
CA ALA A 189 -12.08 -2.34 6.91
C ALA A 189 -13.15 -3.35 7.28
N ASP A 190 -13.96 -3.71 6.29
CA ASP A 190 -15.04 -4.67 6.46
C ASP A 190 -14.54 -6.09 6.34
N GLU A 191 -13.51 -6.27 5.50
CA GLU A 191 -12.96 -7.58 5.21
C GLU A 191 -11.44 -7.64 5.32
N VAL A 192 -10.92 -8.84 5.60
CA VAL A 192 -9.49 -9.05 5.67
C VAL A 192 -9.12 -10.20 4.73
N LEU A 193 -8.07 -9.99 3.95
CA LEU A 193 -7.60 -11.00 3.01
C LEU A 193 -6.38 -11.70 3.59
N ILE A 194 -6.50 -13.01 3.79
CA ILE A 194 -5.40 -13.81 4.32
C ILE A 194 -4.93 -14.65 3.14
N PHE A 195 -4.05 -14.04 2.36
CA PHE A 195 -3.52 -14.63 1.14
C PHE A 195 -2.05 -15.06 1.26
N PRO A 196 -1.54 -15.75 0.23
CA PRO A 196 -0.15 -16.20 0.25
C PRO A 196 0.82 -15.03 0.08
N SER A 197 2.10 -15.30 0.29
CA SER A 197 3.12 -14.28 0.12
C SER A 197 3.31 -14.02 -1.39
N THR A 198 3.80 -12.85 -1.72
CA THR A 198 4.05 -12.50 -3.12
C THR A 198 5.44 -12.95 -3.56
N LEU A 199 6.25 -13.46 -2.62
CA LEU A 199 7.59 -13.90 -2.99
C LEU A 199 8.16 -15.07 -2.17
N LEU A 200 7.65 -15.29 -0.96
CA LEU A 200 8.15 -16.38 -0.12
C LEU A 200 7.38 -17.68 -0.35
N GLN A 201 8.06 -18.81 -0.24
CA GLN A 201 7.41 -20.10 -0.43
C GLN A 201 6.48 -20.40 0.73
N ALA A 202 5.40 -21.15 0.45
CA ALA A 202 4.42 -21.50 1.48
C ALA A 202 5.02 -22.44 2.53
N GLY A 203 5.92 -23.31 2.09
CA GLY A 203 6.56 -24.22 3.03
C GLY A 203 5.87 -25.57 3.22
N SER A 204 4.68 -25.54 3.81
CA SER A 204 3.93 -26.77 4.07
C SER A 204 2.46 -26.61 3.71
N GLU A 205 1.79 -27.71 3.38
CA GLU A 205 0.38 -27.66 3.01
C GLU A 205 -0.51 -27.09 4.11
N LYS A 206 -0.13 -27.32 5.36
CA LYS A 206 -0.90 -26.83 6.49
C LYS A 206 -1.03 -25.30 6.49
N TYR A 207 -0.07 -24.62 5.88
CA TYR A 207 -0.07 -23.16 5.83
C TYR A 207 -0.40 -22.58 4.46
N ALA A 208 -0.50 -23.44 3.44
CA ALA A 208 -0.79 -23.00 2.07
C ALA A 208 -2.26 -22.63 1.94
N LEU A 209 -2.58 -21.42 2.38
CA LEU A 209 -3.96 -20.93 2.39
C LEU A 209 -4.21 -19.60 1.70
N ALA A 210 -5.47 -19.39 1.35
CA ALA A 210 -5.94 -18.16 0.73
C ALA A 210 -7.43 -18.09 1.03
N PHE A 211 -7.82 -17.12 1.86
CA PHE A 211 -9.23 -16.96 2.22
C PHE A 211 -9.50 -15.53 2.66
N ALA A 212 -10.78 -15.18 2.79
CA ALA A 212 -11.18 -13.84 3.21
C ALA A 212 -12.23 -13.94 4.31
N LEU A 213 -12.23 -12.98 5.22
CA LEU A 213 -13.18 -12.98 6.33
C LEU A 213 -13.66 -11.60 6.75
N PRO A 214 -14.87 -11.52 7.32
CA PRO A 214 -15.36 -10.23 7.77
C PRO A 214 -14.44 -9.90 8.96
N THR A 215 -14.09 -8.64 9.15
CA THR A 215 -13.19 -8.29 10.23
C THR A 215 -13.77 -8.42 11.64
N SER A 216 -15.05 -8.80 11.72
CA SER A 216 -15.73 -8.97 13.00
C SER A 216 -15.88 -10.44 13.37
N THR A 217 -15.32 -11.33 12.55
CA THR A 217 -15.41 -12.77 12.79
C THR A 217 -14.96 -13.20 14.19
N PRO A 218 -15.76 -14.03 14.88
CA PRO A 218 -15.40 -14.48 16.21
C PRO A 218 -14.05 -15.20 16.20
N GLY A 219 -13.20 -14.89 17.18
CA GLY A 219 -11.90 -15.51 17.25
C GLY A 219 -10.81 -14.75 16.51
N LEU A 220 -11.21 -13.79 15.69
CA LEU A 220 -10.28 -12.97 14.92
C LEU A 220 -9.97 -11.70 15.71
N HIS A 221 -8.69 -11.39 15.89
CA HIS A 221 -8.30 -10.20 16.64
C HIS A 221 -7.21 -9.41 15.93
N PHE A 222 -7.32 -8.09 16.00
CA PHE A 222 -6.34 -7.18 15.41
C PHE A 222 -5.72 -6.41 16.57
N VAL A 223 -4.47 -6.70 16.88
CA VAL A 223 -3.78 -6.03 17.98
C VAL A 223 -2.94 -4.86 17.46
N CYS A 224 -3.39 -3.65 17.74
CA CYS A 224 -2.72 -2.44 17.30
C CYS A 224 -1.40 -2.12 17.99
N ARG A 225 -0.50 -1.51 17.22
CA ARG A 225 0.79 -1.10 17.74
C ARG A 225 0.58 0.30 18.30
N GLU A 226 1.64 0.86 18.87
CA GLU A 226 1.63 2.21 19.42
C GLU A 226 1.07 3.15 18.35
N ALA A 227 0.09 3.98 18.73
CA ALA A 227 -0.50 4.91 17.77
C ALA A 227 0.48 6.04 17.44
N LEU A 228 0.40 6.54 16.21
CA LEU A 228 1.29 7.61 15.77
C LEU A 228 0.55 8.88 15.43
N VAL A 229 -0.65 9.03 15.97
CA VAL A 229 -1.45 10.23 15.75
C VAL A 229 -0.87 11.29 16.70
N GLY A 230 -0.32 12.35 16.13
CA GLY A 230 0.27 13.38 16.96
C GLY A 230 -0.71 14.29 17.66
N GLY A 231 -1.90 14.43 17.07
CA GLY A 231 -2.93 15.28 17.64
C GLY A 231 -3.98 15.53 16.58
N ASP A 232 -4.96 16.37 16.89
CA ASP A 232 -6.02 16.65 15.92
C ASP A 232 -5.87 17.97 15.16
N SER A 233 -4.95 18.81 15.60
CA SER A 233 -4.74 20.09 14.92
C SER A 233 -4.14 19.88 13.54
N PRO A 234 -4.79 20.42 12.48
CA PRO A 234 -4.24 20.24 11.14
C PRO A 234 -2.95 21.05 10.96
N PHE A 235 -2.81 22.12 11.75
CA PHE A 235 -1.62 22.95 11.67
C PHE A 235 -0.44 22.22 12.31
N ASP A 236 -0.64 21.73 13.53
CA ASP A 236 0.41 21.04 14.26
C ASP A 236 0.74 19.64 13.71
N HIS A 237 -0.29 18.93 13.24
CA HIS A 237 -0.09 17.58 12.72
C HIS A 237 -0.88 17.38 11.44
N PRO A 238 -0.48 18.08 10.36
CA PRO A 238 -1.14 18.03 9.05
C PRO A 238 -1.39 16.65 8.45
N LEU A 239 -0.52 15.69 8.74
CA LEU A 239 -0.70 14.35 8.21
C LEU A 239 -1.10 13.28 9.23
N SER A 240 -0.41 13.23 10.37
CA SER A 240 -0.73 12.19 11.36
C SER A 240 -2.14 12.33 11.94
N SER A 241 -2.72 13.52 11.84
CA SER A 241 -4.06 13.74 12.38
C SER A 241 -5.12 13.13 11.47
N ARG A 242 -4.73 12.74 10.25
CA ARG A 242 -5.69 12.19 9.31
C ARG A 242 -5.30 10.96 8.50
N VAL A 243 -4.00 10.67 8.39
CA VAL A 243 -3.59 9.52 7.58
C VAL A 243 -2.85 8.40 8.33
N GLU A 244 -3.09 8.27 9.63
CA GLU A 244 -2.44 7.22 10.41
C GLU A 244 -3.28 5.94 10.23
N GLU A 245 -2.86 5.11 9.28
CA GLU A 245 -3.58 3.88 8.95
C GLU A 245 -3.58 2.78 10.01
N MET A 246 -2.55 2.78 10.85
CA MET A 246 -2.38 1.79 11.91
C MET A 246 -1.91 0.43 11.36
N ASP A 247 -1.03 -0.23 12.11
CA ASP A 247 -0.53 -1.55 11.76
C ASP A 247 -0.91 -2.47 12.90
N CYS A 248 -1.20 -3.72 12.61
CA CYS A 248 -1.57 -4.63 13.68
C CYS A 248 -1.21 -6.09 13.43
N LEU A 249 -1.06 -6.81 14.53
CA LEU A 249 -0.78 -8.23 14.50
C LEU A 249 -2.17 -8.86 14.38
N VAL A 250 -2.31 -9.87 13.53
CA VAL A 250 -3.61 -10.52 13.34
C VAL A 250 -3.63 -11.90 13.98
N ILE A 251 -4.50 -12.08 14.98
CA ILE A 251 -4.60 -13.34 15.69
C ILE A 251 -5.83 -14.16 15.30
N PHE A 252 -5.62 -15.47 15.13
CA PHE A 252 -6.69 -16.39 14.77
C PHE A 252 -6.83 -17.44 15.88
N ASP A 253 -7.84 -17.27 16.71
CA ASP A 253 -8.09 -18.19 17.82
C ASP A 253 -9.12 -19.21 17.37
N ASP A 254 -8.66 -20.24 16.65
CA ASP A 254 -9.52 -21.30 16.12
C ASP A 254 -10.73 -20.70 15.43
N VAL A 255 -10.45 -19.92 14.40
CA VAL A 255 -11.45 -19.22 13.61
C VAL A 255 -12.03 -20.13 12.52
N LEU A 256 -13.34 -20.06 12.35
CA LEU A 256 -14.00 -20.86 11.33
C LEU A 256 -14.10 -20.07 10.04
N VAL A 257 -13.57 -20.64 8.96
CA VAL A 257 -13.64 -19.99 7.65
C VAL A 257 -14.62 -20.80 6.82
N PRO A 258 -15.79 -20.22 6.49
CA PRO A 258 -16.80 -20.92 5.68
C PRO A 258 -16.22 -21.36 4.35
N TRP A 259 -16.68 -22.50 3.84
CA TRP A 259 -16.18 -23.01 2.57
C TRP A 259 -16.26 -22.01 1.41
N GLU A 260 -17.29 -21.17 1.40
CA GLU A 260 -17.45 -20.20 0.32
C GLU A 260 -16.39 -19.11 0.33
N ARG A 261 -15.65 -18.99 1.43
CA ARG A 261 -14.61 -17.98 1.56
C ARG A 261 -13.20 -18.55 1.36
N VAL A 262 -13.13 -19.83 1.00
CA VAL A 262 -11.83 -20.47 0.76
C VAL A 262 -11.47 -20.39 -0.72
N PHE A 263 -10.26 -19.92 -1.01
CA PHE A 263 -9.81 -19.78 -2.40
C PHE A 263 -8.67 -20.75 -2.72
N ILE A 264 -7.85 -21.04 -1.72
CA ILE A 264 -6.75 -22.01 -1.88
C ILE A 264 -6.66 -22.78 -0.57
N LEU A 265 -6.55 -24.10 -0.68
CA LEU A 265 -6.45 -24.94 0.51
C LEU A 265 -5.42 -26.05 0.37
N GLY A 266 -4.38 -25.95 1.19
CA GLY A 266 -3.32 -26.96 1.21
C GLY A 266 -2.57 -27.24 -0.08
N ASN A 267 -2.49 -26.24 -0.96
CA ASN A 267 -1.79 -26.41 -2.22
C ASN A 267 -0.62 -25.44 -2.29
N VAL A 268 0.56 -25.93 -1.94
CA VAL A 268 1.76 -25.10 -1.93
C VAL A 268 2.06 -24.49 -3.30
N GLU A 269 1.96 -25.30 -4.36
CA GLU A 269 2.22 -24.83 -5.70
C GLU A 269 1.30 -23.67 -6.10
N LEU A 270 0.01 -23.81 -5.83
CA LEU A 270 -0.93 -22.74 -6.17
C LEU A 270 -0.62 -21.47 -5.39
N CYS A 271 -0.19 -21.62 -4.14
CA CYS A 271 0.15 -20.45 -3.35
C CYS A 271 1.39 -19.76 -3.89
N ASN A 272 2.42 -20.55 -4.18
CA ASN A 272 3.68 -20.01 -4.68
C ASN A 272 3.62 -19.31 -6.04
N ASN A 273 2.57 -19.55 -6.81
CA ASN A 273 2.47 -18.92 -8.12
C ASN A 273 1.21 -18.08 -8.30
N ALA A 274 0.46 -17.89 -7.22
CA ALA A 274 -0.80 -17.14 -7.25
C ALA A 274 -0.78 -15.75 -7.88
N TYR A 275 0.05 -14.86 -7.35
CA TYR A 275 0.08 -13.49 -7.87
C TYR A 275 0.60 -13.37 -9.29
N ALA A 276 1.63 -14.15 -9.62
CA ALA A 276 2.22 -14.09 -10.95
C ALA A 276 1.28 -14.69 -12.01
N ALA A 277 0.74 -15.86 -11.72
CA ALA A 277 -0.14 -16.52 -12.67
C ALA A 277 -1.45 -15.78 -12.94
N THR A 278 -2.04 -15.21 -11.89
CA THR A 278 -3.30 -14.50 -12.04
C THR A 278 -3.16 -13.08 -12.59
N GLY A 279 -1.97 -12.50 -12.40
CA GLY A 279 -1.75 -11.13 -12.86
C GLY A 279 -1.98 -10.16 -11.71
N ALA A 280 -2.27 -10.67 -10.52
CA ALA A 280 -2.50 -9.82 -9.36
C ALA A 280 -1.22 -9.05 -9.06
N LEU A 281 -0.07 -9.69 -9.24
CA LEU A 281 1.21 -9.03 -8.98
C LEU A 281 1.31 -7.79 -9.85
N ASN A 282 1.03 -7.94 -11.15
CA ASN A 282 1.10 -6.85 -12.10
C ASN A 282 0.16 -5.70 -11.74
N HIS A 283 -1.11 -6.03 -11.47
CA HIS A 283 -2.08 -5.01 -11.15
C HIS A 283 -1.89 -4.32 -9.80
N MET A 284 -1.49 -5.07 -8.78
CA MET A 284 -1.27 -4.45 -7.48
C MET A 284 -0.03 -3.53 -7.57
N ALA A 285 0.95 -3.92 -8.36
CA ALA A 285 2.16 -3.12 -8.52
C ALA A 285 1.86 -1.87 -9.36
N HIS A 286 0.79 -1.94 -10.16
CA HIS A 286 0.36 -0.83 -10.99
C HIS A 286 -0.16 0.27 -10.06
N GLN A 287 -0.95 -0.13 -9.05
CA GLN A 287 -1.47 0.85 -8.09
C GLN A 287 -0.29 1.47 -7.38
N VAL A 288 0.69 0.64 -7.04
CA VAL A 288 1.87 1.12 -6.33
C VAL A 288 2.67 2.16 -7.11
N VAL A 289 2.92 1.92 -8.39
CA VAL A 289 3.72 2.89 -9.13
C VAL A 289 2.99 4.23 -9.24
N ALA A 290 1.67 4.21 -9.36
CA ALA A 290 0.91 5.45 -9.43
C ALA A 290 1.00 6.14 -8.07
N LEU A 291 0.90 5.34 -7.00
CA LEU A 291 0.96 5.87 -5.64
C LEU A 291 2.32 6.51 -5.33
N LYS A 292 3.40 5.86 -5.72
CA LYS A 292 4.73 6.42 -5.44
C LYS A 292 5.03 7.64 -6.30
N THR A 293 4.36 7.74 -7.44
CA THR A 293 4.56 8.90 -8.30
C THR A 293 3.90 10.06 -7.55
N ALA A 294 2.71 9.81 -7.00
CA ALA A 294 2.00 10.85 -6.24
C ALA A 294 2.82 11.27 -5.03
N LYS A 295 3.39 10.29 -4.33
CA LYS A 295 4.19 10.59 -3.15
C LYS A 295 5.42 11.42 -3.51
N THR A 296 6.09 11.07 -4.60
CA THR A 296 7.27 11.81 -5.01
C THR A 296 6.90 13.24 -5.40
N GLU A 297 5.74 13.42 -6.03
CA GLU A 297 5.30 14.76 -6.41
C GLU A 297 5.11 15.60 -5.16
N ALA A 298 4.59 14.99 -4.09
CA ALA A 298 4.37 15.72 -2.85
C ALA A 298 5.70 16.16 -2.25
N PHE A 299 6.68 15.24 -2.20
CA PHE A 299 7.99 15.59 -1.68
C PHE A 299 8.66 16.69 -2.50
N LEU A 300 8.49 16.64 -3.81
CA LEU A 300 9.07 17.66 -4.68
C LEU A 300 8.48 19.02 -4.33
N GLY A 301 7.16 19.06 -4.17
CA GLY A 301 6.51 20.32 -3.83
C GLY A 301 6.98 20.90 -2.51
N VAL A 302 7.08 20.05 -1.50
CA VAL A 302 7.53 20.49 -0.18
C VAL A 302 8.99 20.93 -0.21
N ALA A 303 9.83 20.18 -0.89
CA ALA A 303 11.25 20.52 -0.99
C ALA A 303 11.42 21.89 -1.65
N ALA A 304 10.71 22.10 -2.74
CA ALA A 304 10.78 23.37 -3.47
C ALA A 304 10.31 24.53 -2.60
N LEU A 305 9.17 24.34 -1.93
CA LEU A 305 8.62 25.38 -1.06
C LEU A 305 9.53 25.68 0.13
N MET A 306 10.12 24.65 0.71
CA MET A 306 11.02 24.89 1.85
C MET A 306 12.23 25.70 1.40
N ALA A 307 12.84 25.28 0.29
CA ALA A 307 14.03 25.97 -0.22
C ALA A 307 13.73 27.43 -0.53
N GLU A 308 12.63 27.67 -1.22
CA GLU A 308 12.24 29.04 -1.55
C GLU A 308 11.90 29.81 -0.27
N GLY A 309 11.18 29.13 0.63
CA GLY A 309 10.76 29.74 1.87
C GLY A 309 11.85 30.35 2.75
N ILE A 310 13.00 29.70 2.81
CA ILE A 310 14.09 30.20 3.65
C ILE A 310 15.25 30.77 2.82
N GLY A 311 15.05 30.93 1.52
CA GLY A 311 16.08 31.49 0.67
C GLY A 311 17.26 30.57 0.39
N ALA A 312 17.08 29.27 0.62
CA ALA A 312 18.15 28.31 0.39
C ALA A 312 18.24 27.90 -1.09
N ASP A 313 17.22 28.25 -1.86
CA ASP A 313 17.17 27.90 -3.28
C ASP A 313 18.25 28.57 -4.13
N VAL A 314 18.92 29.58 -3.58
CA VAL A 314 19.96 30.27 -4.33
C VAL A 314 21.26 29.48 -4.36
N TYR A 315 21.37 28.45 -3.51
CA TYR A 315 22.57 27.63 -3.45
C TYR A 315 22.53 26.45 -4.40
N GLY A 316 23.60 26.30 -5.17
CA GLY A 316 23.69 25.23 -6.15
C GLY A 316 23.34 23.84 -5.66
N HIS A 317 23.93 23.41 -4.55
CA HIS A 317 23.67 22.07 -4.05
C HIS A 317 22.21 21.85 -3.65
N VAL A 318 21.53 22.91 -3.25
CA VAL A 318 20.12 22.78 -2.88
C VAL A 318 19.31 22.57 -4.16
N GLN A 319 19.69 23.30 -5.20
CA GLN A 319 19.02 23.17 -6.50
C GLN A 319 19.25 21.74 -7.01
N GLU A 320 20.47 21.24 -6.82
CA GLU A 320 20.80 19.88 -7.26
C GLU A 320 19.99 18.83 -6.52
N LYS A 321 19.78 19.03 -5.21
CA LYS A 321 19.00 18.06 -4.45
C LYS A 321 17.56 18.02 -4.92
N ILE A 322 17.01 19.19 -5.26
CA ILE A 322 15.63 19.23 -5.74
C ILE A 322 15.57 18.58 -7.12
N ALA A 323 16.59 18.81 -7.94
CA ALA A 323 16.64 18.21 -9.27
C ALA A 323 16.72 16.68 -9.16
N GLU A 324 17.37 16.20 -8.09
CA GLU A 324 17.49 14.77 -7.87
C GLU A 324 16.09 14.18 -7.67
N ILE A 325 15.25 14.89 -6.93
CA ILE A 325 13.88 14.40 -6.69
C ILE A 325 13.15 14.40 -8.04
N ILE A 326 13.41 15.40 -8.87
CA ILE A 326 12.78 15.48 -10.18
C ILE A 326 13.18 14.27 -11.03
N VAL A 327 14.45 13.90 -10.97
CA VAL A 327 14.93 12.74 -11.73
C VAL A 327 14.18 11.50 -11.27
N TYR A 328 14.04 11.32 -9.96
CA TYR A 328 13.33 10.16 -9.44
C TYR A 328 11.86 10.18 -9.82
N LEU A 329 11.25 11.37 -9.83
CA LEU A 329 9.85 11.49 -10.22
C LEU A 329 9.68 11.04 -11.66
N GLU A 330 10.58 11.50 -12.54
CA GLU A 330 10.51 11.12 -13.94
C GLU A 330 10.73 9.62 -14.12
N ALA A 331 11.59 9.04 -13.29
CA ALA A 331 11.84 7.60 -13.37
C ALA A 331 10.56 6.83 -13.07
N MET A 332 9.85 7.24 -12.03
CA MET A 332 8.61 6.55 -11.67
C MET A 332 7.54 6.76 -12.75
N ARG A 333 7.47 7.96 -13.30
CA ARG A 333 6.50 8.22 -14.37
C ARG A 333 6.81 7.34 -15.57
N ALA A 334 8.09 7.13 -15.83
CA ALA A 334 8.52 6.31 -16.95
C ALA A 334 8.12 4.85 -16.75
N PHE A 335 8.36 4.31 -15.55
CA PHE A 335 7.98 2.93 -15.26
C PHE A 335 6.47 2.77 -15.44
N TRP A 336 5.73 3.76 -14.95
CA TRP A 336 4.27 3.76 -15.04
C TRP A 336 3.83 3.71 -16.51
N THR A 337 4.39 4.59 -17.32
CA THR A 337 4.05 4.62 -18.74
C THR A 337 4.37 3.31 -19.45
N ARG A 338 5.58 2.80 -19.24
CA ARG A 338 5.94 1.56 -19.92
C ARG A 338 5.11 0.38 -19.43
N ALA A 339 4.71 0.40 -18.16
CA ALA A 339 3.92 -0.68 -17.60
C ALA A 339 2.59 -0.78 -18.36
N GLU A 340 2.01 0.36 -18.70
CA GLU A 340 0.74 0.38 -19.41
C GLU A 340 0.91 0.15 -20.91
N GLU A 341 1.89 0.81 -21.51
CA GLU A 341 2.11 0.69 -22.96
C GLU A 341 2.57 -0.67 -23.45
N GLU A 342 3.26 -1.44 -22.60
CA GLU A 342 3.74 -2.75 -23.01
C GLU A 342 2.88 -3.87 -22.43
N ALA A 343 1.68 -3.52 -21.96
CA ALA A 343 0.78 -4.52 -21.39
C ALA A 343 0.38 -5.57 -22.41
N LYS A 344 0.20 -6.80 -21.93
CA LYS A 344 -0.21 -7.92 -22.79
C LYS A 344 -1.10 -8.86 -21.98
N GLU A 345 -1.86 -9.71 -22.66
CA GLU A 345 -2.75 -10.64 -21.97
C GLU A 345 -1.99 -11.85 -21.43
N ASN A 346 -2.39 -12.32 -20.25
CA ASN A 346 -1.74 -13.48 -19.65
C ASN A 346 -2.44 -14.76 -20.10
N ALA A 347 -2.07 -15.88 -19.51
CA ALA A 347 -2.64 -17.17 -19.87
C ALA A 347 -4.16 -17.30 -19.73
N TYR A 348 -4.75 -16.43 -18.91
CA TYR A 348 -6.20 -16.46 -18.69
C TYR A 348 -6.92 -15.39 -19.48
N GLY A 349 -6.18 -14.70 -20.35
CA GLY A 349 -6.78 -13.67 -21.17
C GLY A 349 -6.89 -12.32 -20.49
N LEU A 350 -6.31 -12.19 -19.30
CA LEU A 350 -6.36 -10.93 -18.57
C LEU A 350 -5.23 -10.02 -19.01
N LEU A 351 -5.57 -8.80 -19.42
CA LEU A 351 -4.56 -7.83 -19.82
C LEU A 351 -3.83 -7.40 -18.56
N VAL A 352 -2.51 -7.56 -18.54
CA VAL A 352 -1.73 -7.18 -17.37
C VAL A 352 -0.59 -6.22 -17.73
N PRO A 353 -0.35 -5.20 -16.89
CA PRO A 353 0.72 -4.26 -17.18
C PRO A 353 2.07 -4.97 -17.15
N ASP A 354 3.03 -4.46 -17.93
CA ASP A 354 4.36 -5.07 -18.05
C ASP A 354 5.07 -5.32 -16.72
N ARG A 355 5.46 -6.57 -16.47
CA ARG A 355 6.14 -6.90 -15.22
C ARG A 355 7.54 -6.30 -15.12
N GLY A 356 8.26 -6.22 -16.24
CA GLY A 356 9.60 -5.65 -16.20
C GLY A 356 9.60 -4.24 -15.65
N ALA A 357 8.70 -3.41 -16.18
CA ALA A 357 8.61 -2.02 -15.74
C ALA A 357 8.19 -1.93 -14.27
N LEU A 358 7.25 -2.78 -13.86
CA LEU A 358 6.77 -2.76 -12.49
C LEU A 358 7.77 -3.36 -11.50
N ASP A 359 8.51 -4.38 -11.93
CA ASP A 359 9.53 -4.97 -11.05
C ASP A 359 10.62 -3.91 -10.90
N GLY A 360 10.83 -3.13 -11.96
CA GLY A 360 11.83 -2.07 -11.88
C GLY A 360 11.40 -1.02 -10.87
N ALA A 361 10.16 -0.57 -10.97
CA ALA A 361 9.64 0.45 -10.06
C ALA A 361 9.62 0.00 -8.60
N ARG A 362 9.08 -1.19 -8.33
CA ARG A 362 8.98 -1.65 -6.95
C ARG A 362 10.29 -2.07 -6.30
N ASN A 363 11.32 -2.29 -7.12
CA ASN A 363 12.63 -2.65 -6.59
C ASN A 363 13.54 -1.43 -6.56
N LEU A 364 13.17 -0.37 -7.27
CA LEU A 364 14.00 0.83 -7.27
C LEU A 364 13.52 1.84 -6.23
N TYR A 365 12.21 2.03 -6.11
CA TYR A 365 11.71 3.02 -5.16
C TYR A 365 12.13 2.81 -3.71
N PRO A 366 12.23 1.56 -3.23
CA PRO A 366 12.66 1.37 -1.85
C PRO A 366 14.06 1.95 -1.61
N ARG A 367 14.81 2.12 -2.69
CA ARG A 367 16.16 2.69 -2.62
C ARG A 367 16.10 4.21 -2.75
N LEU A 368 15.19 4.69 -3.58
CA LEU A 368 15.05 6.12 -3.82
C LEU A 368 14.38 6.87 -2.67
N TYR A 369 13.36 6.27 -2.06
CA TYR A 369 12.65 6.96 -1.00
C TYR A 369 13.51 7.44 0.18
N PRO A 370 14.38 6.57 0.74
CA PRO A 370 15.20 7.05 1.86
C PRO A 370 16.02 8.27 1.49
N ARG A 371 16.42 8.35 0.22
CA ARG A 371 17.22 9.47 -0.26
C ARG A 371 16.35 10.71 -0.41
N ILE A 372 15.12 10.52 -0.88
CA ILE A 372 14.20 11.65 -1.04
C ILE A 372 13.94 12.24 0.36
N ARG A 373 13.77 11.36 1.33
CA ARG A 373 13.53 11.78 2.71
C ARG A 373 14.76 12.53 3.23
N GLU A 374 15.94 11.98 2.95
CA GLU A 374 17.19 12.60 3.38
C GLU A 374 17.32 14.00 2.79
N ILE A 375 16.95 14.14 1.51
CA ILE A 375 17.02 15.43 0.86
C ILE A 375 16.21 16.49 1.59
N LEU A 376 14.99 16.13 2.02
CA LEU A 376 14.18 17.11 2.75
C LEU A 376 14.89 17.50 4.05
N GLU A 377 15.52 16.54 4.71
CA GLU A 377 16.24 16.83 5.95
C GLU A 377 17.39 17.78 5.70
N GLN A 378 18.16 17.52 4.64
CA GLN A 378 19.30 18.35 4.30
C GLN A 378 18.93 19.77 3.89
N ILE A 379 17.74 19.95 3.32
CA ILE A 379 17.29 21.28 2.92
C ILE A 379 16.73 22.05 4.11
N GLY A 380 15.88 21.40 4.90
CA GLY A 380 15.26 22.06 6.03
C GLY A 380 16.13 22.35 7.24
N ALA A 381 17.07 21.45 7.53
CA ALA A 381 17.97 21.60 8.67
C ALA A 381 17.21 21.92 9.96
N SER A 382 17.69 22.91 10.73
CA SER A 382 17.02 23.24 12.00
C SER A 382 15.58 23.70 11.87
N GLY A 383 15.17 24.11 10.67
CA GLY A 383 13.79 24.53 10.49
C GLY A 383 12.84 23.38 10.73
N LEU A 384 13.32 22.16 10.54
CA LEU A 384 12.49 20.98 10.74
C LEU A 384 12.20 20.62 12.19
N ILE A 385 12.90 21.23 13.13
CA ILE A 385 12.62 20.96 14.54
C ILE A 385 12.24 22.24 15.29
N THR A 386 12.19 23.36 14.58
CA THR A 386 11.79 24.63 15.16
C THR A 386 10.30 24.67 14.85
N LEU A 387 9.54 23.92 15.64
CA LEU A 387 8.13 23.77 15.42
C LEU A 387 7.17 24.28 16.49
N PRO A 388 7.01 25.61 16.59
CA PRO A 388 6.09 26.08 17.62
C PRO A 388 4.69 25.63 17.19
N SER A 389 3.75 25.64 18.11
CA SER A 389 2.37 25.21 17.84
C SER A 389 1.49 26.36 17.41
N GLU A 390 0.32 26.05 16.87
CA GLU A 390 -0.62 27.10 16.49
C GLU A 390 -0.94 27.83 17.80
N LYS A 391 -0.84 27.11 18.91
CA LYS A 391 -1.12 27.68 20.23
C LYS A 391 -0.11 28.76 20.60
N ASP A 392 1.12 28.63 20.12
CA ASP A 392 2.15 29.63 20.41
C ASP A 392 1.86 30.89 19.59
N PHE A 393 1.40 30.72 18.36
CA PHE A 393 1.09 31.87 17.53
C PHE A 393 -0.13 32.59 18.09
N LYS A 394 -1.02 31.84 18.73
CA LYS A 394 -2.23 32.41 19.31
C LYS A 394 -1.96 32.97 20.71
N GLY A 395 -0.81 32.65 21.26
CA GLY A 395 -0.45 33.12 22.59
C GLY A 395 0.28 34.45 22.65
N PRO A 396 0.75 34.86 23.83
CA PRO A 396 1.46 36.12 24.08
C PRO A 396 2.69 36.38 23.22
N LEU A 397 3.42 35.33 22.85
CA LEU A 397 4.62 35.50 22.03
C LEU A 397 4.36 35.48 20.53
N GLY A 398 3.09 35.38 20.14
CA GLY A 398 2.75 35.34 18.73
C GLY A 398 3.46 36.41 17.91
N PRO A 399 3.40 37.69 18.34
CA PRO A 399 4.06 38.78 17.61
C PRO A 399 5.55 38.55 17.38
N PHE A 400 6.24 38.00 18.38
CA PHE A 400 7.67 37.73 18.25
C PHE A 400 7.90 36.63 17.23
N LEU A 401 7.07 35.58 17.28
CA LEU A 401 7.21 34.47 16.34
C LEU A 401 6.98 34.92 14.90
N GLU A 402 6.07 35.87 14.72
CA GLU A 402 5.79 36.36 13.37
C GLU A 402 7.01 37.09 12.80
N LYS A 403 7.86 37.58 13.70
CA LYS A 403 9.06 38.28 13.27
C LYS A 403 10.23 37.33 13.04
N PHE A 404 10.48 36.47 14.01
CA PHE A 404 11.62 35.56 13.93
C PHE A 404 11.46 34.32 13.07
N LEU A 405 10.24 33.91 12.78
CA LEU A 405 10.05 32.72 11.97
C LEU A 405 9.45 32.99 10.59
N GLN A 406 9.49 34.24 10.15
CA GLN A 406 9.01 34.56 8.82
C GLN A 406 10.07 34.00 7.89
N GLY A 407 9.74 33.88 6.61
CA GLY A 407 10.69 33.37 5.64
C GLY A 407 11.18 34.53 4.78
N ALA A 408 11.93 34.24 3.74
CA ALA A 408 12.45 35.29 2.85
C ALA A 408 11.32 36.21 2.39
N ALA A 409 10.26 35.62 1.88
CA ALA A 409 9.09 36.35 1.41
C ALA A 409 7.87 35.50 1.75
N LEU A 410 7.88 34.96 2.96
CA LEU A 410 6.81 34.09 3.43
C LEU A 410 6.46 34.47 4.87
N GLU A 411 5.16 34.56 5.16
CA GLU A 411 4.73 34.91 6.52
C GLU A 411 5.05 33.76 7.47
N ALA A 412 5.29 34.09 8.73
CA ALA A 412 5.64 33.09 9.74
C ALA A 412 4.67 31.92 9.90
N LYS A 413 3.37 32.21 9.96
CA LYS A 413 2.39 31.14 10.12
C LYS A 413 2.44 30.17 8.95
N GLU A 414 2.59 30.70 7.74
CA GLU A 414 2.69 29.87 6.55
C GLU A 414 3.98 29.07 6.58
N ARG A 415 5.06 29.72 7.04
CA ARG A 415 6.36 29.05 7.12
C ARG A 415 6.31 27.88 8.08
N VAL A 416 5.76 28.09 9.28
CA VAL A 416 5.69 27.01 10.25
C VAL A 416 4.72 25.93 9.80
N ALA A 417 3.65 26.31 9.12
CA ALA A 417 2.69 25.32 8.64
C ALA A 417 3.41 24.37 7.68
N LEU A 418 4.25 24.95 6.83
CA LEU A 418 5.02 24.18 5.84
C LEU A 418 6.04 23.27 6.50
N PHE A 419 6.81 23.80 7.45
CA PHE A 419 7.81 22.97 8.11
C PHE A 419 7.18 21.90 8.99
N ARG A 420 5.99 22.19 9.52
CA ARG A 420 5.27 21.20 10.32
C ARG A 420 4.91 20.05 9.40
N LEU A 421 4.54 20.37 8.16
CA LEU A 421 4.19 19.35 7.18
C LEU A 421 5.43 18.55 6.79
N ALA A 422 6.53 19.25 6.51
CA ALA A 422 7.78 18.59 6.12
C ALA A 422 8.22 17.65 7.24
N TRP A 423 8.10 18.11 8.48
CA TRP A 423 8.46 17.31 9.64
C TRP A 423 7.55 16.07 9.74
N ASP A 424 6.25 16.27 9.54
CA ASP A 424 5.30 15.16 9.64
C ASP A 424 5.53 14.13 8.52
N MET A 425 6.15 14.57 7.43
CA MET A 425 6.41 13.68 6.29
C MET A 425 7.73 12.94 6.46
N THR A 426 8.53 13.34 7.44
CA THR A 426 9.85 12.73 7.60
C THR A 426 10.34 12.36 8.98
N LEU A 427 10.13 13.26 9.94
CA LEU A 427 10.65 13.08 11.29
C LEU A 427 9.71 12.78 12.44
N SER A 428 8.41 12.95 12.24
CA SER A 428 7.48 12.62 13.32
C SER A 428 7.44 11.09 13.34
N GLY A 429 6.84 10.51 14.38
CA GLY A 429 6.74 9.06 14.43
C GLY A 429 6.03 8.59 13.18
N PHE A 430 5.03 9.36 12.75
CA PHE A 430 4.26 9.05 11.56
C PHE A 430 5.17 9.09 10.33
N GLY A 431 5.93 10.19 10.20
CA GLY A 431 6.81 10.33 9.06
C GLY A 431 7.89 9.28 8.98
N ALA A 432 8.51 8.99 10.12
CA ALA A 432 9.57 7.98 10.15
C ALA A 432 9.04 6.61 9.77
N ARG A 433 7.84 6.26 10.22
CA ARG A 433 7.27 4.97 9.86
C ARG A 433 7.15 4.85 8.35
N GLN A 434 6.80 5.94 7.68
CA GLN A 434 6.67 5.92 6.22
C GLN A 434 7.95 5.44 5.56
N GLU A 435 9.10 5.76 6.16
CA GLU A 435 10.39 5.34 5.61
C GLU A 435 10.52 3.81 5.71
N LEU A 436 10.24 3.27 6.89
CA LEU A 436 10.33 1.83 7.08
C LEU A 436 9.34 1.14 6.15
N TYR A 437 8.16 1.74 6.01
CA TYR A 437 7.12 1.21 5.14
C TYR A 437 7.63 1.09 3.70
N GLU A 438 8.19 2.17 3.17
CA GLU A 438 8.69 2.15 1.80
C GLU A 438 9.79 1.10 1.60
N ARG A 439 10.62 0.92 2.62
CA ARG A 439 11.71 -0.04 2.55
C ARG A 439 11.26 -1.50 2.49
N PHE A 440 10.12 -1.79 3.11
CA PHE A 440 9.64 -3.16 3.24
C PHE A 440 8.24 -3.61 2.83
N PHE A 441 7.31 -2.69 2.62
CA PHE A 441 5.95 -3.13 2.33
C PHE A 441 5.77 -4.24 1.27
N PHE A 442 6.50 -4.18 0.17
CA PHE A 442 6.37 -5.19 -0.89
C PHE A 442 7.26 -6.42 -0.66
N GLY A 443 8.00 -6.40 0.44
CA GLY A 443 8.88 -7.52 0.75
C GLY A 443 10.29 -7.09 1.11
N ASP A 444 11.07 -8.04 1.61
CA ASP A 444 12.46 -7.80 1.98
C ASP A 444 13.26 -7.62 0.68
N PRO A 445 13.89 -6.44 0.50
CA PRO A 445 14.68 -6.17 -0.71
C PRO A 445 15.65 -7.29 -1.07
N VAL A 446 16.28 -7.87 -0.05
CA VAL A 446 17.22 -8.95 -0.28
C VAL A 446 16.59 -10.07 -1.08
N ARG A 447 15.41 -10.51 -0.65
CA ARG A 447 14.73 -11.60 -1.34
C ARG A 447 13.95 -11.13 -2.56
N MET A 448 13.57 -9.85 -2.60
CA MET A 448 12.88 -9.33 -3.77
C MET A 448 13.88 -9.34 -4.94
N TYR A 449 15.13 -8.97 -4.64
CA TYR A 449 16.16 -8.95 -5.68
C TYR A 449 16.53 -10.37 -6.11
N GLN A 450 16.61 -11.28 -5.15
CA GLN A 450 16.93 -12.67 -5.49
C GLN A 450 15.80 -13.24 -6.35
N THR A 451 14.56 -12.84 -6.04
CA THR A 451 13.40 -13.28 -6.80
C THR A 451 13.49 -12.78 -8.23
N LEU A 452 13.82 -11.50 -8.40
CA LEU A 452 13.94 -10.91 -9.73
C LEU A 452 15.03 -11.63 -10.53
N TYR A 453 16.17 -11.88 -9.89
CA TYR A 453 17.25 -12.58 -10.57
C TYR A 453 16.80 -13.92 -11.13
N ASN A 454 16.13 -14.71 -10.31
CA ASN A 454 15.69 -16.03 -10.72
C ASN A 454 14.59 -16.08 -11.77
N VAL A 455 13.66 -15.13 -11.74
CA VAL A 455 12.56 -15.16 -12.69
C VAL A 455 12.85 -14.47 -14.03
N TYR A 456 13.77 -13.51 -14.02
CA TYR A 456 14.09 -12.76 -15.23
C TYR A 456 14.77 -13.62 -16.30
N ASN A 457 14.41 -13.39 -17.56
CA ASN A 457 15.01 -14.12 -18.67
C ASN A 457 16.30 -13.41 -19.07
N LYS A 458 17.43 -13.97 -18.64
CA LYS A 458 18.74 -13.37 -18.91
C LYS A 458 19.40 -13.93 -20.17
N GLU A 459 18.78 -14.94 -20.77
CA GLU A 459 19.34 -15.58 -21.96
C GLU A 459 19.68 -14.69 -23.15
N PRO A 460 18.79 -13.74 -23.52
CA PRO A 460 19.11 -12.87 -24.66
C PRO A 460 20.43 -12.11 -24.52
N TYR A 461 20.72 -11.64 -23.31
CA TYR A 461 21.93 -10.87 -23.05
C TYR A 461 23.15 -11.78 -23.02
N LYS A 462 23.00 -12.97 -22.44
CA LYS A 462 24.11 -13.91 -22.39
C LYS A 462 24.44 -14.35 -23.81
N GLU A 463 23.41 -14.55 -24.62
CA GLU A 463 23.62 -14.98 -26.00
C GLU A 463 24.36 -13.94 -26.83
N ARG A 464 24.03 -12.66 -26.63
CA ARG A 464 24.70 -11.61 -27.37
C ARG A 464 26.18 -11.59 -27.04
N ILE A 465 26.52 -11.84 -25.78
CA ILE A 465 27.92 -11.85 -25.37
C ILE A 465 28.62 -13.09 -25.94
N ARG A 466 27.96 -14.24 -25.89
CA ARG A 466 28.57 -15.45 -26.44
C ARG A 466 28.88 -15.23 -27.92
N ALA A 467 27.95 -14.56 -28.61
CA ALA A 467 28.15 -14.28 -30.03
C ALA A 467 29.33 -13.35 -30.23
N PHE A 468 29.45 -12.34 -29.37
CA PHE A 468 30.54 -11.39 -29.47
C PHE A 468 31.89 -12.08 -29.25
N LEU A 469 31.88 -13.09 -28.38
CA LEU A 469 33.10 -13.82 -28.06
C LEU A 469 33.53 -14.84 -29.12
N LYS A 470 32.71 -15.05 -30.14
CA LYS A 470 33.07 -16.00 -31.18
C LYS A 470 34.39 -15.58 -31.83
N GLU A 471 34.55 -14.29 -32.07
CA GLU A 471 35.77 -13.77 -32.68
C GLU A 471 36.98 -14.00 -31.78
N SER A 472 36.75 -14.01 -30.47
CA SER A 472 37.83 -14.23 -29.52
C SER A 472 38.35 -15.66 -29.64
N LEU A 473 37.44 -16.63 -29.66
CA LEU A 473 37.83 -18.03 -29.75
C LEU A 473 38.36 -18.44 -31.12
N LYS A 474 38.05 -17.65 -32.15
CA LYS A 474 38.52 -17.98 -33.48
C LYS A 474 40.04 -17.92 -33.63
N VAL A 475 40.72 -17.23 -32.71
CA VAL A 475 42.17 -17.13 -32.78
C VAL A 475 42.87 -18.47 -32.60
N PHE A 476 42.14 -19.46 -32.08
CA PHE A 476 42.72 -20.78 -31.86
C PHE A 476 42.49 -21.73 -33.02
N GLU A 477 41.72 -21.30 -34.01
CA GLU A 477 41.43 -22.15 -35.18
C GLU A 477 42.66 -22.23 -36.08
S SO4 B . -4.00 18.84 19.33
O1 SO4 B . -3.19 18.81 18.04
O2 SO4 B . -4.58 20.25 19.46
O3 SO4 B . -5.10 17.95 19.16
O4 SO4 B . -3.05 18.75 20.38
S SO4 C . 0.81 8.24 -17.09
O1 SO4 C . 2.18 7.73 -16.67
O2 SO4 C . 1.01 9.02 -18.39
O3 SO4 C . 0.01 7.11 -17.40
O4 SO4 C . 0.47 9.23 -16.12
S SO4 D . -16.44 -12.13 -13.53
O1 SO4 D . -17.14 -13.44 -13.82
O2 SO4 D . -17.06 -11.55 -12.27
O3 SO4 D . -15.09 -12.43 -13.22
O4 SO4 D . -16.84 -11.25 -14.58
S SO4 E . 18.13 -17.69 -17.59
O1 SO4 E . 17.50 -16.36 -17.23
O2 SO4 E . 19.51 -17.72 -16.96
O3 SO4 E . 17.36 -18.70 -16.96
O4 SO4 E . 18.36 -17.63 -18.99
S SO4 F . -20.82 -9.99 -13.52
O1 SO4 F . -21.62 -9.57 -14.75
O2 SO4 F . -21.53 -9.42 -12.30
O3 SO4 F . -20.90 -11.40 -13.43
O4 SO4 F . -19.61 -9.25 -13.61
S SO4 G . 11.81 -18.67 0.23
O1 SO4 G . 10.98 -18.59 -1.05
O2 SO4 G . 10.83 -18.53 1.40
O3 SO4 G . 12.36 -19.97 0.29
O4 SO4 G . 12.56 -17.47 0.25
PA FAD H . 12.17 -10.72 8.09
O1A FAD H . 12.01 -11.90 7.19
O2A FAD H . 11.80 -10.98 9.50
O5B FAD H . 13.69 -10.20 8.14
C5B FAD H . 14.40 -9.50 9.17
C4B FAD H . 15.82 -9.36 8.60
O4B FAD H . 16.22 -10.73 8.48
C3B FAD H . 16.13 -8.66 7.27
O3B FAD H . 17.44 -8.08 7.32
C2B FAD H . 16.05 -9.82 6.27
O2B FAD H . 16.79 -9.54 5.08
C1B FAD H . 16.57 -10.98 7.12
N9A FAD H . 16.34 -12.40 6.73
C8A FAD H . 15.33 -13.13 7.20
N7A FAD H . 15.11 -14.18 6.43
C5A FAD H . 16.01 -14.15 5.46
C6A FAD H . 16.31 -14.99 4.39
N6A FAD H . 15.65 -16.13 4.21
N1A FAD H . 17.32 -14.66 3.56
C2A FAD H . 18.04 -13.57 3.75
N3A FAD H . 17.79 -12.75 4.77
C4A FAD H . 16.80 -13.03 5.64
N1 FAD H . 2.54 -7.08 5.36
C2 FAD H . 1.23 -7.48 5.02
O2 FAD H . 0.99 -8.65 4.76
N3 FAD H . 0.22 -6.50 4.98
C4 FAD H . 0.51 -5.16 5.30
O4 FAD H . -0.39 -4.32 5.23
C4X FAD H . 1.79 -4.78 5.70
N5 FAD H . 2.13 -3.48 6.11
C5X FAD H . 3.39 -3.09 6.54
C6 FAD H . 3.61 -1.79 7.00
C7 FAD H . 4.86 -1.43 7.51
C7M FAD H . 4.99 -0.01 8.07
C8 FAD H . 5.92 -2.35 7.51
C8M FAD H . 7.37 -2.12 7.93
C9 FAD H . 5.67 -3.64 7.04
C9A FAD H . 4.41 -4.06 6.57
N10 FAD H . 4.07 -5.37 6.16
C10 FAD H . 2.80 -5.75 5.73
C1' FAD H . 5.12 -6.42 6.15
C2' FAD H . 6.18 -6.45 5.05
O2' FAD H . 5.66 -7.03 3.85
C3' FAD H . 7.41 -7.16 5.64
O3' FAD H . 8.08 -6.30 6.56
C4' FAD H . 8.45 -7.56 4.58
O4' FAD H . 7.82 -8.43 3.63
C5' FAD H . 9.74 -8.26 4.97
O5' FAD H . 9.56 -9.40 5.82
P FAD H . 9.71 -9.31 7.42
O1P FAD H . 9.34 -8.01 8.01
O2P FAD H . 9.01 -10.52 7.91
O3P FAD H . 11.25 -9.41 7.87
C8 4HP I . 5.19 -10.80 1.14
O1 4HP I . 4.67 -11.00 0.05
O2 4HP I . 5.78 -11.83 1.75
C7 4HP I . 5.17 -9.44 1.80
C1 4HP I . 4.09 -8.56 1.23
C2 4HP I . 4.13 -8.04 -0.09
C3 4HP I . 3.06 -7.24 -0.55
C4 4HP I . 1.96 -6.95 0.31
C5 4HP I . 1.94 -7.47 1.62
C6 4HP I . 3.00 -8.26 2.07
O4 4HP I . 0.93 -6.20 -0.11
C8 4HP J . 7.03 -12.70 -17.11
O1 4HP J . 6.42 -11.81 -16.52
O2 4HP J . 6.33 -13.66 -17.71
C7 4HP J . 8.55 -12.73 -17.14
C1 4HP J . 9.18 -11.57 -16.39
C2 4HP J . 9.51 -11.71 -15.03
C3 4HP J . 10.09 -10.62 -14.32
C4 4HP J . 10.34 -9.41 -14.99
C5 4HP J . 10.02 -9.27 -16.36
C6 4HP J . 9.44 -10.35 -17.06
O4 4HP J . 10.89 -8.36 -14.32
#